data_3FBX
#
_entry.id   3FBX
#
_cell.length_a   148.804
_cell.length_b   89.672
_cell.length_c   64.954
_cell.angle_alpha   90.00
_cell.angle_beta   98.67
_cell.angle_gamma   90.00
#
_symmetry.space_group_name_H-M   'C 1 2 1'
#
loop_
_entity.id
_entity.type
_entity.pdbx_description
1 polymer 'Putative phospholipase B-like 2'
2 branched 2-acetamido-2-deoxy-beta-D-glucopyranose-(1-4)-2-acetamido-2-deoxy-beta-D-glucopyranose
3 non-polymer 2-acetamido-2-deoxy-beta-D-glucopyranose
4 non-polymer 'TETRAETHYLENE GLYCOL'
5 non-polymer XENON
6 non-polymer GLYCEROL
7 non-polymer 'ACETATE ION'
8 non-polymer 'TRIETHYLENE GLYCOL'
9 non-polymer 'SODIUM ION'
10 water water
#
_entity_poly.entity_id   1
_entity_poly.type   'polypeptide(L)'
_entity_poly.pdbx_seq_one_letter_code
;LPTLGPGWQRQNPDPPVSRTRSLLLDAASGQLRLEDGFHPDAVAWANLTNAIRETGWAYLDLSTNGRYNDSLQAYAAGVV
EASVSEELIYMHWMNTVVNYCGPFEYEVGYCEKLKNFLEANLEWMQREMELNPDSPYWHQVRLTLLQLKGLEDSYEGRLT
FPTGRFTIKPLGFLLLQISGDLEDLEPALNKTNTKPSLGSGS(OCS)SALIKLLPGGHDLLVAHNTWNSYQNMLRIIKKY
RLQFREGPQEEYPLVAGNNLVFSSYPGTIFSGDDFYILGSGLVTLETTIGNKNPALWKYVQPQGCVLEWIRNVVANRLAL
DGATWADVFKRFNSGTYNNQWMIVDYKAFLPNGPSPGSRVLTILEQIPGMVVVADKTAELYKTTYWASYNIPYFETVFNA
SGLQALVAQYGDWFSYTKNPRAKIFQRDQSLVEDMDAMVRLMRYNDFLHDPLSLCEACNPKPNAENAISARSDLNPANGS
YPFQALHQRAHGGIDVKVTSFTLAKYMSMLAASGPTWDQCPPFQWSKSPFHSMLHMGQPDLWMFSPIRVPWDGRGSHHHH
HHG
;
_entity_poly.pdbx_strand_id   A
#
loop_
_chem_comp.id
_chem_comp.type
_chem_comp.name
_chem_comp.formula
ACT non-polymer 'ACETATE ION' 'C2 H3 O2 -1'
GOL non-polymer GLYCEROL 'C3 H8 O3'
NA non-polymer 'SODIUM ION' 'Na 1'
NAG D-saccharide, beta linking 2-acetamido-2-deoxy-beta-D-glucopyranose 'C8 H15 N O6'
PG4 non-polymer 'TETRAETHYLENE GLYCOL' 'C8 H18 O5'
PGE non-polymer 'TRIETHYLENE GLYCOL' 'C6 H14 O4'
XE non-polymer XENON Xe
#
# COMPACT_ATOMS: atom_id res chain seq x y z
N VAL A 17 14.06 -5.59 -21.51
CA VAL A 17 12.76 -6.14 -21.02
C VAL A 17 12.91 -6.99 -19.73
N SER A 18 13.95 -7.80 -19.67
CA SER A 18 14.20 -8.71 -18.55
C SER A 18 15.66 -8.61 -18.04
N ARG A 19 15.84 -8.63 -16.71
CA ARG A 19 17.16 -8.49 -16.12
C ARG A 19 17.28 -9.27 -14.81
N THR A 20 18.35 -10.06 -14.69
CA THR A 20 18.62 -10.89 -13.52
C THR A 20 19.97 -10.55 -12.89
N ARG A 21 19.98 -10.35 -11.58
CA ARG A 21 21.19 -10.08 -10.83
C ARG A 21 21.22 -10.85 -9.53
N SER A 22 22.43 -11.19 -9.07
CA SER A 22 22.69 -11.90 -7.83
C SER A 22 23.73 -11.11 -7.02
N LEU A 23 23.58 -11.08 -5.70
CA LEU A 23 24.61 -10.51 -4.82
C LEU A 23 25.38 -11.61 -4.09
N LEU A 24 26.67 -11.69 -4.37
CA LEU A 24 27.53 -12.68 -3.78
C LEU A 24 28.37 -12.10 -2.66
N LEU A 25 28.61 -12.92 -1.64
CA LEU A 25 29.62 -12.63 -0.65
C LEU A 25 30.89 -13.45 -0.94
N ASP A 26 31.97 -12.76 -1.28
CA ASP A 26 33.28 -13.38 -1.45
C ASP A 26 33.90 -13.55 -0.07
N ALA A 27 33.92 -14.78 0.44
CA ALA A 27 34.36 -15.03 1.82
C ALA A 27 35.82 -14.62 2.08
N ALA A 28 36.65 -14.74 1.03
CA ALA A 28 38.07 -14.39 1.07
C ALA A 28 38.37 -12.89 1.03
N SER A 29 37.31 -12.08 0.90
CA SER A 29 37.46 -10.65 0.61
C SER A 29 37.20 -9.70 1.81
N GLY A 30 36.17 -9.89 2.64
CA GLY A 30 34.91 -10.58 2.31
C GLY A 30 33.97 -9.47 1.87
N GLN A 31 33.94 -9.25 0.57
CA GLN A 31 33.23 -8.14 -0.04
C GLN A 31 31.99 -8.64 -0.74
N LEU A 32 30.94 -7.82 -0.69
CA LEU A 32 29.71 -8.06 -1.42
C LEU A 32 29.88 -7.58 -2.83
N ARG A 33 29.51 -8.40 -3.82
CA ARG A 33 29.55 -7.98 -5.23
C ARG A 33 28.38 -8.50 -6.04
N LEU A 34 27.94 -7.67 -6.97
CA LEU A 34 26.85 -7.99 -7.88
C LEU A 34 27.38 -8.72 -9.09
N GLU A 35 26.68 -9.78 -9.49
CA GLU A 35 26.96 -10.46 -10.73
C GLU A 35 25.67 -10.56 -11.53
N ASP A 36 25.80 -10.51 -12.84
CA ASP A 36 24.65 -10.76 -13.70
C ASP A 36 24.30 -12.23 -13.72
N GLY A 37 23.02 -12.50 -13.97
CA GLY A 37 22.53 -13.86 -14.00
C GLY A 37 22.17 -14.40 -12.64
N PHE A 38 21.78 -15.66 -12.66
CA PHE A 38 21.28 -16.42 -11.54
C PHE A 38 22.41 -17.20 -10.88
N HIS A 39 22.63 -16.96 -9.60
CA HIS A 39 23.63 -17.69 -8.85
C HIS A 39 23.00 -18.10 -7.52
N PRO A 40 22.41 -19.31 -7.46
CA PRO A 40 21.78 -19.88 -6.25
C PRO A 40 22.66 -19.87 -4.98
N ASP A 41 23.96 -19.74 -5.17
CA ASP A 41 24.94 -19.64 -4.09
C ASP A 41 24.98 -18.23 -3.45
N ALA A 42 24.41 -17.25 -4.14
CA ALA A 42 24.46 -15.87 -3.70
C ALA A 42 23.60 -15.62 -2.44
N VAL A 43 23.80 -14.47 -1.80
CA VAL A 43 22.98 -14.07 -0.65
C VAL A 43 21.53 -13.78 -1.12
N ALA A 44 21.41 -13.16 -2.29
CA ALA A 44 20.11 -12.85 -2.86
C ALA A 44 20.20 -12.69 -4.35
N TRP A 45 19.06 -12.84 -5.01
CA TRP A 45 18.95 -12.60 -6.43
C TRP A 45 17.56 -12.09 -6.78
N ALA A 46 17.48 -11.35 -7.87
CA ALA A 46 16.22 -10.78 -8.29
C ALA A 46 16.20 -10.77 -9.80
N ASN A 47 15.01 -10.60 -10.32
CA ASN A 47 14.69 -10.80 -11.69
C ASN A 47 13.50 -9.87 -11.95
N LEU A 48 13.68 -8.88 -12.83
CA LEU A 48 12.62 -7.97 -13.25
C LEU A 48 12.30 -8.13 -14.74
N THR A 49 11.01 -8.29 -15.03
CA THR A 49 10.46 -8.23 -16.39
C THR A 49 9.56 -6.99 -16.50
N ASN A 50 10.00 -6.02 -17.29
CA ASN A 50 9.20 -4.83 -17.56
C ASN A 50 8.25 -5.08 -18.76
N ALA A 51 6.96 -5.14 -18.46
CA ALA A 51 5.93 -5.39 -19.46
C ALA A 51 4.93 -4.24 -19.39
N ILE A 52 5.44 -3.06 -19.00
CA ILE A 52 4.59 -1.88 -18.78
C ILE A 52 3.90 -1.43 -20.08
N ARG A 53 4.61 -1.56 -21.21
CA ARG A 53 4.10 -1.17 -22.55
C ARG A 53 2.89 -2.04 -22.92
N GLU A 54 2.95 -3.31 -22.53
CA GLU A 54 1.96 -4.30 -22.93
C GLU A 54 0.79 -4.46 -21.95
N THR A 55 1.05 -4.30 -20.65
CA THR A 55 0.08 -4.68 -19.61
C THR A 55 -0.12 -3.63 -18.52
N GLY A 56 0.77 -2.65 -18.48
CA GLY A 56 0.75 -1.62 -17.43
C GLY A 56 1.46 -2.03 -16.15
N TRP A 57 2.07 -3.22 -16.14
CA TRP A 57 2.80 -3.74 -14.98
C TRP A 57 4.22 -4.15 -15.35
N ALA A 58 5.15 -3.93 -14.42
CA ALA A 58 6.39 -4.71 -14.38
C ALA A 58 6.26 -5.80 -13.31
N TYR A 59 7.15 -6.79 -13.36
CA TYR A 59 7.11 -7.94 -12.45
CA TYR A 59 7.10 -7.91 -12.42
C TYR A 59 8.48 -8.15 -11.83
N LEU A 60 8.52 -8.20 -10.50
CA LEU A 60 9.75 -8.44 -9.77
C LEU A 60 9.66 -9.75 -8.99
N ASP A 61 10.70 -10.56 -9.13
CA ASP A 61 10.78 -11.83 -8.45
C ASP A 61 12.09 -11.80 -7.71
N LEU A 62 12.05 -11.93 -6.38
CA LEU A 62 13.24 -11.78 -5.54
C LEU A 62 13.36 -12.89 -4.49
N SER A 63 14.57 -13.42 -4.30
CA SER A 63 14.82 -14.48 -3.32
C SER A 63 16.08 -14.21 -2.51
N THR A 64 16.03 -14.59 -1.23
CA THR A 64 17.23 -14.57 -0.41
C THR A 64 17.62 -15.99 0.02
N ASN A 65 18.90 -16.16 0.34
CA ASN A 65 19.49 -17.45 0.69
C ASN A 65 19.59 -17.63 2.22
N GLY A 66 18.87 -18.64 2.74
CA GLY A 66 18.82 -18.91 4.17
C GLY A 66 20.07 -19.51 4.79
N ARG A 67 21.11 -19.76 3.99
CA ARG A 67 22.39 -20.16 4.60
C ARG A 67 23.17 -18.96 5.16
N TYR A 68 22.71 -17.74 4.86
CA TYR A 68 23.23 -16.51 5.46
C TYR A 68 22.27 -16.01 6.54
N ASN A 69 22.78 -15.21 7.49
CA ASN A 69 21.91 -14.68 8.55
C ASN A 69 20.88 -13.70 7.94
N ASP A 70 19.76 -13.48 8.63
CA ASP A 70 18.67 -12.70 8.02
C ASP A 70 18.95 -11.19 7.84
N SER A 71 19.89 -10.66 8.62
CA SER A 71 20.36 -9.29 8.47
C SER A 71 21.08 -9.08 7.13
N LEU A 72 22.02 -9.97 6.80
CA LEU A 72 22.68 -9.91 5.50
C LEU A 72 21.66 -10.18 4.37
N GLN A 73 20.77 -11.14 4.53
CA GLN A 73 19.66 -11.35 3.57
C GLN A 73 18.85 -10.07 3.28
N ALA A 74 18.45 -9.34 4.33
CA ALA A 74 17.64 -8.13 4.19
C ALA A 74 18.37 -7.06 3.41
N TYR A 75 19.60 -6.80 3.80
CA TYR A 75 20.44 -5.85 3.11
C TYR A 75 20.57 -6.25 1.63
N ALA A 76 20.88 -7.53 1.38
CA ALA A 76 21.07 -8.06 0.02
C ALA A 76 19.80 -7.98 -0.83
N ALA A 77 18.63 -8.18 -0.20
CA ALA A 77 17.34 -8.09 -0.88
C ALA A 77 17.10 -6.67 -1.43
N GLY A 78 17.43 -5.64 -0.64
CA GLY A 78 17.39 -4.26 -1.11
C GLY A 78 18.37 -3.99 -2.23
N VAL A 79 19.60 -4.51 -2.06
CA VAL A 79 20.64 -4.37 -3.09
C VAL A 79 20.22 -4.93 -4.46
N VAL A 80 19.74 -6.18 -4.49
CA VAL A 80 19.38 -6.79 -5.76
C VAL A 80 18.09 -6.21 -6.33
N GLU A 81 17.17 -5.76 -5.47
CA GLU A 81 16.00 -5.08 -5.98
C GLU A 81 16.39 -3.80 -6.74
N ALA A 82 17.16 -2.92 -6.10
CA ALA A 82 17.60 -1.69 -6.75
C ALA A 82 18.36 -2.00 -8.05
N SER A 83 19.10 -3.09 -8.01
CA SER A 83 19.97 -3.50 -9.09
C SER A 83 19.25 -3.77 -10.41
N VAL A 84 18.04 -4.33 -10.34
CA VAL A 84 17.30 -4.71 -11.54
C VAL A 84 16.22 -3.69 -11.90
N SER A 85 16.06 -2.68 -11.06
CA SER A 85 15.03 -1.68 -11.31
C SER A 85 15.52 -0.24 -11.30
N GLU A 86 16.82 -0.02 -11.47
CA GLU A 86 17.40 1.36 -11.43
C GLU A 86 16.70 2.40 -12.30
N GLU A 87 16.45 2.06 -13.55
CA GLU A 87 15.78 2.95 -14.50
C GLU A 87 14.38 3.30 -14.02
N LEU A 88 13.63 2.30 -13.55
CA LEU A 88 12.27 2.52 -13.06
C LEU A 88 12.24 3.39 -11.81
N ILE A 89 13.19 3.15 -10.89
CA ILE A 89 13.35 3.96 -9.69
C ILE A 89 13.64 5.44 -10.05
N TYR A 90 14.56 5.62 -11.00
CA TYR A 90 14.93 6.93 -11.47
C TYR A 90 13.69 7.68 -11.98
N MET A 91 12.94 7.04 -12.86
CA MET A 91 11.74 7.64 -13.43
C MET A 91 10.64 7.91 -12.41
N HIS A 92 10.42 6.97 -11.50
CA HIS A 92 9.44 7.13 -10.44
C HIS A 92 9.79 8.30 -9.50
N TRP A 93 11.05 8.39 -9.09
CA TRP A 93 11.56 9.52 -8.31
C TRP A 93 11.26 10.87 -9.02
N MET A 94 11.59 10.93 -10.31
CA MET A 94 11.34 12.12 -11.14
C MET A 94 9.86 12.46 -11.26
N ASN A 95 9.01 11.44 -11.43
CA ASN A 95 7.56 11.64 -11.56
C ASN A 95 6.87 12.07 -10.28
N THR A 96 7.42 11.69 -9.13
CA THR A 96 6.68 11.77 -7.87
C THR A 96 7.29 12.64 -6.75
N VAL A 97 8.59 12.57 -6.49
CA VAL A 97 9.15 13.21 -5.30
C VAL A 97 10.33 14.14 -5.51
N VAL A 98 10.79 14.28 -6.76
CA VAL A 98 11.95 15.13 -7.07
C VAL A 98 11.87 16.60 -6.54
N ASN A 99 10.68 17.17 -6.45
CA ASN A 99 10.58 18.55 -5.96
C ASN A 99 10.24 18.68 -4.44
N TYR A 100 10.01 17.53 -3.78
CA TYR A 100 9.56 17.53 -2.38
C TYR A 100 10.66 17.94 -1.41
N CYS A 101 10.49 19.10 -0.79
CA CYS A 101 11.46 19.67 0.15
C CYS A 101 12.84 19.83 -0.50
N GLY A 102 12.86 20.20 -1.78
CA GLY A 102 14.09 20.32 -2.56
C GLY A 102 14.94 21.52 -2.18
N PRO A 103 16.06 21.74 -2.91
CA PRO A 103 16.99 22.84 -2.60
C PRO A 103 16.34 24.22 -2.62
N PHE A 104 15.30 24.38 -3.43
CA PHE A 104 14.67 25.68 -3.64
C PHE A 104 13.29 25.84 -2.99
N GLU A 105 12.98 24.98 -2.02
CA GLU A 105 11.65 24.95 -1.42
C GLU A 105 11.32 26.24 -0.65
N TYR A 106 10.12 26.76 -0.91
CA TYR A 106 9.64 27.98 -0.24
C TYR A 106 9.27 27.74 1.23
N GLU A 107 8.62 26.61 1.53
CA GLU A 107 8.11 26.31 2.87
C GLU A 107 9.22 25.69 3.74
N VAL A 108 9.99 26.57 4.39
CA VAL A 108 11.40 26.32 4.70
C VAL A 108 11.83 25.67 6.04
N GLY A 109 11.18 25.88 7.19
CA GLY A 109 9.77 26.10 7.36
C GLY A 109 9.26 24.71 7.77
N TYR A 110 8.32 24.19 6.98
CA TYR A 110 7.85 22.81 7.10
C TYR A 110 9.00 21.81 6.89
N CYS A 111 9.82 22.05 5.88
CA CYS A 111 10.89 21.13 5.52
C CYS A 111 11.93 20.86 6.61
N GLU A 112 12.32 21.90 7.34
CA GLU A 112 13.24 21.75 8.46
CA GLU A 112 13.22 21.80 8.49
C GLU A 112 12.59 20.96 9.60
N LYS A 113 11.30 21.20 9.85
CA LYS A 113 10.52 20.43 10.83
C LYS A 113 10.38 18.94 10.47
N LEU A 114 10.16 18.67 9.19
CA LEU A 114 10.04 17.33 8.65
C LEU A 114 11.35 16.56 8.83
N LYS A 115 12.44 17.19 8.40
CA LYS A 115 13.78 16.63 8.48
C LYS A 115 14.22 16.37 9.94
N ASN A 116 13.97 17.33 10.84
CA ASN A 116 14.19 17.12 12.28
C ASN A 116 13.34 15.97 12.86
N PHE A 117 12.08 15.88 12.44
CA PHE A 117 11.18 14.80 12.85
C PHE A 117 11.70 13.44 12.43
N LEU A 118 12.06 13.31 11.15
CA LEU A 118 12.53 12.02 10.60
C LEU A 118 13.86 11.59 11.18
N GLU A 119 14.81 12.53 11.29
CA GLU A 119 16.08 12.23 11.95
C GLU A 119 15.94 11.77 13.42
N ALA A 120 15.08 12.43 14.18
CA ALA A 120 14.81 12.05 15.56
C ALA A 120 14.13 10.67 15.61
N ASN A 121 13.21 10.41 14.68
CA ASN A 121 12.53 9.11 14.62
C ASN A 121 13.48 7.98 14.25
N LEU A 122 14.28 8.20 13.21
CA LEU A 122 15.31 7.24 12.79
C LEU A 122 16.35 6.96 13.87
N GLU A 123 16.74 8.01 14.58
CA GLU A 123 17.70 7.88 15.66
C GLU A 123 17.07 7.14 16.85
N TRP A 124 15.79 7.42 17.13
CA TRP A 124 15.04 6.71 18.18
C TRP A 124 14.98 5.20 17.91
N MET A 125 14.67 4.81 16.68
CA MET A 125 14.69 3.39 16.30
C MET A 125 16.07 2.75 16.42
N GLN A 126 17.13 3.47 16.01
CA GLN A 126 18.52 2.95 16.14
C GLN A 126 18.85 2.68 17.61
N ARG A 127 18.45 3.60 18.51
CA ARG A 127 18.67 3.45 19.94
C ARG A 127 17.89 2.28 20.54
N GLU A 128 16.61 2.13 20.21
CA GLU A 128 15.85 0.97 20.64
C GLU A 128 16.46 -0.35 20.20
N MET A 129 16.97 -0.43 18.97
CA MET A 129 17.65 -1.65 18.51
C MET A 129 18.89 -1.97 19.32
N GLU A 130 19.73 -0.96 19.59
CA GLU A 130 20.92 -1.20 20.37
C GLU A 130 20.63 -1.47 21.85
N LEU A 131 19.52 -0.94 22.37
CA LEU A 131 19.10 -1.23 23.74
C LEU A 131 18.39 -2.56 23.91
N ASN A 132 17.98 -3.17 22.79
CA ASN A 132 17.17 -4.38 22.82
C ASN A 132 17.62 -5.43 21.83
N PRO A 133 18.88 -5.90 21.95
CA PRO A 133 19.37 -6.84 20.94
C PRO A 133 18.65 -8.21 20.93
N ASP A 134 17.88 -8.53 21.98
CA ASP A 134 17.18 -9.81 22.05
C ASP A 134 15.68 -9.73 21.70
N SER A 135 15.21 -8.54 21.33
CA SER A 135 13.80 -8.28 20.97
C SER A 135 13.46 -8.76 19.56
N PRO A 136 12.51 -9.71 19.43
CA PRO A 136 11.99 -10.11 18.10
C PRO A 136 11.42 -8.92 17.30
N TYR A 137 10.64 -8.08 17.97
CA TYR A 137 10.05 -6.89 17.36
C TYR A 137 11.07 -5.96 16.74
N TRP A 138 12.10 -5.59 17.50
CA TRP A 138 13.12 -4.66 17.01
C TRP A 138 14.05 -5.30 16.00
N HIS A 139 14.15 -6.63 16.04
CA HIS A 139 14.81 -7.41 14.99
C HIS A 139 14.07 -7.27 13.65
N GLN A 140 12.76 -7.45 13.65
CA GLN A 140 11.95 -7.24 12.44
C GLN A 140 12.06 -5.82 11.87
N VAL A 141 12.07 -4.81 12.75
CA VAL A 141 12.23 -3.41 12.34
C VAL A 141 13.60 -3.19 11.70
N ARG A 142 14.65 -3.71 12.33
CA ARG A 142 16.00 -3.65 11.76
C ARG A 142 16.15 -4.30 10.39
N LEU A 143 15.53 -5.48 10.20
CA LEU A 143 15.52 -6.11 8.86
C LEU A 143 14.93 -5.21 7.79
N THR A 144 13.82 -4.55 8.12
CA THR A 144 13.12 -3.64 7.23
C THR A 144 14.02 -2.47 6.85
N LEU A 145 14.71 -1.90 7.82
CA LEU A 145 15.56 -0.75 7.58
C LEU A 145 16.84 -1.13 6.86
N LEU A 146 17.35 -2.33 7.12
CA LEU A 146 18.50 -2.86 6.38
C LEU A 146 18.20 -2.97 4.89
N GLN A 147 16.99 -3.44 4.58
CA GLN A 147 16.51 -3.54 3.21
C GLN A 147 16.45 -2.17 2.52
N LEU A 148 15.90 -1.17 3.23
CA LEU A 148 15.94 0.22 2.78
C LEU A 148 17.37 0.72 2.55
N LYS A 149 18.27 0.41 3.48
CA LYS A 149 19.67 0.81 3.32
C LYS A 149 20.36 0.11 2.13
N GLY A 150 20.12 -1.19 1.96
CA GLY A 150 20.62 -1.91 0.78
C GLY A 150 20.16 -1.31 -0.54
N LEU A 151 18.87 -1.01 -0.63
CA LEU A 151 18.26 -0.39 -1.80
C LEU A 151 18.90 0.95 -2.20
N GLU A 152 19.14 1.82 -1.22
CA GLU A 152 19.76 3.14 -1.44
C GLU A 152 21.24 2.98 -1.79
N ASP A 153 21.99 2.22 -0.99
CA ASP A 153 23.40 1.91 -1.25
C ASP A 153 23.60 1.36 -2.67
N SER A 154 22.81 0.37 -3.06
CA SER A 154 22.92 -0.25 -4.39
C SER A 154 22.69 0.76 -5.51
N TYR A 155 21.61 1.53 -5.41
CA TYR A 155 21.29 2.58 -6.36
C TYR A 155 22.40 3.62 -6.51
N GLU A 156 23.10 3.91 -5.41
CA GLU A 156 24.22 4.85 -5.39
C GLU A 156 25.54 4.21 -5.81
N GLY A 157 25.52 2.88 -6.00
CA GLY A 157 26.67 2.13 -6.50
C GLY A 157 27.79 1.81 -5.52
N ARG A 158 27.53 1.86 -4.22
CA ARG A 158 28.58 1.61 -3.21
C ARG A 158 27.98 0.90 -2.01
N LEU A 159 28.36 -0.37 -1.85
CA LEU A 159 27.78 -1.27 -0.85
C LEU A 159 28.58 -1.31 0.43
N THR A 160 27.90 -1.09 1.55
CA THR A 160 28.52 -1.20 2.85
C THR A 160 27.54 -1.80 3.88
N PHE A 161 27.76 -3.07 4.22
CA PHE A 161 26.91 -3.78 5.15
C PHE A 161 27.18 -3.35 6.61
N PRO A 162 26.14 -2.82 7.31
CA PRO A 162 26.34 -2.46 8.71
C PRO A 162 26.08 -3.62 9.70
N THR A 163 27.01 -3.82 10.62
CA THR A 163 26.88 -4.85 11.65
C THR A 163 26.34 -4.27 12.95
N GLY A 164 26.39 -2.94 13.09
CA GLY A 164 25.77 -2.27 14.21
C GLY A 164 24.84 -1.17 13.72
N ARG A 165 25.01 0.03 14.26
CA ARG A 165 24.14 1.14 13.89
C ARG A 165 24.45 1.73 12.51
N PHE A 166 23.42 2.26 11.88
CA PHE A 166 23.54 2.86 10.57
C PHE A 166 22.59 4.04 10.43
N THR A 167 22.91 4.93 9.50
CA THR A 167 22.14 6.15 9.31
C THR A 167 21.34 6.07 8.02
N ILE A 168 20.03 6.20 8.13
CA ILE A 168 19.18 6.33 6.96
C ILE A 168 19.07 7.84 6.73
N LYS A 169 19.26 8.30 5.50
CA LYS A 169 19.01 9.70 5.21
C LYS A 169 17.51 9.99 5.13
N PRO A 170 17.08 11.09 5.76
CA PRO A 170 15.67 11.45 5.89
C PRO A 170 14.96 11.65 4.55
N LEU A 171 15.67 12.18 3.56
CA LEU A 171 15.04 12.58 2.30
C LEU A 171 15.60 11.84 1.10
N GLY A 172 16.18 10.67 1.35
CA GLY A 172 16.60 9.79 0.26
C GLY A 172 15.45 8.86 -0.06
N PHE A 173 15.77 7.57 -0.20
CA PHE A 173 14.79 6.53 -0.56
C PHE A 173 13.69 6.34 0.48
N LEU A 174 13.93 6.78 1.72
CA LEU A 174 12.88 6.85 2.75
C LEU A 174 11.61 7.60 2.24
N LEU A 175 11.82 8.62 1.42
CA LEU A 175 10.74 9.43 0.84
C LEU A 175 9.79 8.61 -0.03
N LEU A 176 10.32 7.64 -0.74
CA LEU A 176 9.47 6.66 -1.45
C LEU A 176 8.64 5.76 -0.53
N GLN A 177 9.01 5.63 0.74
CA GLN A 177 8.29 4.72 1.63
C GLN A 177 7.21 5.43 2.41
N ILE A 178 7.36 6.74 2.61
CA ILE A 178 6.52 7.47 3.56
C ILE A 178 5.46 8.39 2.91
N SER A 179 5.19 8.24 1.61
CA SER A 179 4.17 9.10 0.98
C SER A 179 2.81 9.04 1.65
N GLY A 180 2.41 7.84 2.08
CA GLY A 180 1.18 7.66 2.86
C GLY A 180 1.30 8.33 4.24
N ASP A 181 2.47 8.18 4.87
CA ASP A 181 2.70 8.76 6.20
C ASP A 181 2.71 10.27 6.13
N LEU A 182 3.22 10.83 5.03
CA LEU A 182 3.28 12.28 4.82
C LEU A 182 1.92 12.96 4.75
N GLU A 183 0.87 12.23 4.37
CA GLU A 183 -0.49 12.79 4.36
C GLU A 183 -0.90 13.33 5.75
N ASP A 184 -0.38 12.70 6.80
CA ASP A 184 -0.73 13.05 8.16
C ASP A 184 0.38 13.88 8.82
N LEU A 185 1.62 13.62 8.42
CA LEU A 185 2.78 14.38 8.89
C LEU A 185 2.74 15.83 8.43
N GLU A 186 2.25 16.06 7.22
CA GLU A 186 2.12 17.42 6.74
C GLU A 186 1.26 18.29 7.68
N PRO A 187 -0.06 17.98 7.83
CA PRO A 187 -0.85 18.76 8.79
C PRO A 187 -0.35 18.73 10.25
N ALA A 188 0.22 17.60 10.69
CA ALA A 188 0.74 17.49 12.06
C ALA A 188 1.93 18.43 12.33
N LEU A 189 2.67 18.77 11.27
CA LEU A 189 3.80 19.68 11.35
C LEU A 189 3.41 21.07 10.81
N ASN A 190 2.11 21.31 10.73
CA ASN A 190 1.50 22.61 10.38
C ASN A 190 1.87 23.14 8.97
N LYS A 191 1.96 22.23 8.00
CA LYS A 191 2.17 22.64 6.61
C LYS A 191 0.89 23.31 6.08
N THR A 192 1.04 24.47 5.44
CA THR A 192 -0.09 25.22 4.85
C THR A 192 -0.74 24.48 3.68
N OCS A 203 -9.38 4.92 -2.34
CA OCS A 203 -9.30 3.46 -2.55
CB OCS A 203 -8.27 2.83 -1.60
SG OCS A 203 -6.88 3.91 -1.27
C OCS A 203 -10.64 2.83 -2.23
O OCS A 203 -11.30 3.23 -1.26
OD1 OCS A 203 -7.28 5.28 -1.44
OD2 OCS A 203 -5.81 3.57 -2.16
OD3 OCS A 203 -6.48 3.74 0.09
N SER A 204 -11.00 1.87 -3.04
CA SER A 204 -12.16 1.02 -2.76
C SER A 204 -11.68 -0.41 -2.50
N ALA A 205 -12.37 -1.10 -1.59
CA ALA A 205 -12.10 -2.50 -1.35
C ALA A 205 -13.43 -3.22 -1.16
N LEU A 206 -13.48 -4.46 -1.62
CA LEU A 206 -14.65 -5.32 -1.43
C LEU A 206 -14.19 -6.74 -1.13
N ILE A 207 -14.76 -7.30 -0.09
CA ILE A 207 -14.60 -8.69 0.29
C ILE A 207 -15.99 -9.29 0.08
N LYS A 208 -16.08 -10.30 -0.78
CA LYS A 208 -17.36 -10.84 -1.19
C LYS A 208 -17.40 -12.35 -0.95
N LEU A 209 -18.38 -12.74 -0.13
CA LEU A 209 -18.74 -14.15 0.02
C LEU A 209 -19.70 -14.55 -1.12
N LEU A 210 -19.28 -15.45 -2.01
CA LEU A 210 -20.12 -15.87 -3.13
C LEU A 210 -21.29 -16.69 -2.64
N PRO A 211 -22.42 -16.74 -3.41
CA PRO A 211 -23.59 -17.53 -2.99
C PRO A 211 -23.24 -18.96 -2.60
N GLY A 212 -23.89 -19.44 -1.54
CA GLY A 212 -23.65 -20.79 -1.00
C GLY A 212 -22.28 -20.91 -0.34
N GLY A 213 -21.63 -19.77 -0.10
CA GLY A 213 -20.27 -19.78 0.44
C GLY A 213 -19.27 -20.48 -0.45
N HIS A 214 -19.52 -20.48 -1.76
CA HIS A 214 -18.69 -21.23 -2.73
C HIS A 214 -17.24 -20.74 -2.79
N ASP A 215 -17.08 -19.43 -2.60
CA ASP A 215 -15.76 -18.84 -2.64
C ASP A 215 -15.81 -17.56 -1.80
N LEU A 216 -14.62 -17.01 -1.53
CA LEU A 216 -14.45 -15.74 -0.84
C LEU A 216 -13.49 -14.88 -1.67
N LEU A 217 -14.01 -13.80 -2.23
CA LEU A 217 -13.23 -12.99 -3.14
C LEU A 217 -12.80 -11.73 -2.43
N VAL A 218 -11.61 -11.26 -2.75
CA VAL A 218 -11.03 -10.11 -2.08
C VAL A 218 -10.45 -9.20 -3.14
N ALA A 219 -10.97 -7.97 -3.23
CA ALA A 219 -10.51 -7.03 -4.24
C ALA A 219 -10.18 -5.66 -3.64
N HIS A 220 -9.27 -4.96 -4.32
CA HIS A 220 -8.83 -3.65 -3.87
C HIS A 220 -8.53 -2.83 -5.12
N ASN A 221 -8.91 -1.56 -5.08
CA ASN A 221 -8.70 -0.65 -6.20
C ASN A 221 -8.07 0.61 -5.62
N THR A 222 -6.79 0.81 -5.89
CA THR A 222 -6.09 1.97 -5.34
C THR A 222 -6.37 3.25 -6.10
N TRP A 223 -6.65 4.31 -5.34
CA TRP A 223 -6.81 5.63 -5.92
C TRP A 223 -5.55 6.43 -5.62
N ASN A 224 -4.99 7.04 -6.65
CA ASN A 224 -3.74 7.73 -6.51
C ASN A 224 -3.63 8.75 -7.62
N SER A 225 -2.60 9.59 -7.53
CA SER A 225 -2.26 10.49 -8.62
C SER A 225 -1.77 9.70 -9.82
N TYR A 226 -2.16 10.18 -11.00
CA TYR A 226 -1.79 9.53 -12.26
C TYR A 226 -0.28 9.49 -12.48
N GLN A 227 0.46 10.44 -11.91
CA GLN A 227 1.93 10.44 -11.99
C GLN A 227 2.60 9.26 -11.27
N ASN A 228 1.85 8.56 -10.42
CA ASN A 228 2.40 7.41 -9.67
C ASN A 228 2.28 6.08 -10.39
N MET A 229 1.77 6.08 -11.62
CA MET A 229 1.45 4.85 -12.33
C MET A 229 2.65 4.18 -13.02
N LEU A 230 3.80 4.11 -12.34
CA LEU A 230 4.81 3.10 -12.66
C LEU A 230 4.64 1.99 -11.63
N ARG A 231 4.27 0.81 -12.11
CA ARG A 231 3.77 -0.24 -11.24
C ARG A 231 4.61 -1.49 -11.33
N ILE A 232 4.90 -2.09 -10.18
CA ILE A 232 5.57 -3.39 -10.13
C ILE A 232 4.80 -4.31 -9.20
N ILE A 233 4.44 -5.48 -9.70
CA ILE A 233 3.95 -6.55 -8.84
C ILE A 233 5.18 -7.32 -8.36
N LYS A 234 5.29 -7.48 -7.05
CA LYS A 234 6.50 -8.00 -6.43
C LYS A 234 6.22 -9.31 -5.71
N LYS A 235 7.10 -10.27 -5.94
CA LYS A 235 7.05 -11.53 -5.25
C LYS A 235 8.40 -11.68 -4.51
N TYR A 236 8.30 -11.78 -3.19
CA TYR A 236 9.46 -11.93 -2.32
C TYR A 236 9.44 -13.34 -1.78
N ARG A 237 10.58 -14.02 -1.79
CA ARG A 237 10.76 -15.28 -1.07
C ARG A 237 11.95 -15.17 -0.13
N LEU A 238 11.66 -14.87 1.12
CA LEU A 238 12.72 -14.56 2.07
C LEU A 238 12.95 -15.76 2.97
N GLN A 239 13.99 -15.68 3.80
CA GLN A 239 14.27 -16.72 4.82
C GLN A 239 14.58 -16.04 6.17
N PHE A 240 13.78 -15.04 6.54
CA PHE A 240 13.92 -14.35 7.80
C PHE A 240 13.40 -15.21 8.97
N ARG A 241 14.00 -14.97 10.14
CA ARG A 241 13.60 -15.61 11.36
C ARG A 241 12.94 -14.58 12.30
N GLU A 242 12.18 -15.06 13.28
CA GLU A 242 11.38 -14.21 14.14
C GLU A 242 12.24 -13.35 15.05
N GLY A 243 13.37 -13.89 15.48
CA GLY A 243 14.25 -13.18 16.39
C GLY A 243 15.69 -13.24 15.96
N PRO A 244 16.55 -12.50 16.67
CA PRO A 244 17.96 -12.30 16.33
C PRO A 244 18.86 -13.52 16.48
N GLN A 245 18.34 -14.65 16.95
CA GLN A 245 19.17 -15.85 17.02
C GLN A 245 18.62 -16.94 16.06
N GLU A 246 19.52 -17.76 15.53
CA GLU A 246 19.20 -18.83 14.57
C GLU A 246 18.24 -19.91 15.11
N GLU A 247 18.09 -19.97 16.44
CA GLU A 247 17.17 -20.90 17.10
C GLU A 247 15.71 -20.49 17.01
N TYR A 248 15.46 -19.24 16.63
CA TYR A 248 14.12 -18.76 16.35
C TYR A 248 13.57 -19.41 15.09
N PRO A 249 12.25 -19.66 15.06
CA PRO A 249 11.61 -20.18 13.86
C PRO A 249 11.65 -19.16 12.72
N LEU A 250 11.57 -19.68 11.50
CA LEU A 250 11.29 -18.86 10.33
C LEU A 250 9.96 -18.11 10.49
N VAL A 251 9.93 -16.84 10.08
CA VAL A 251 8.69 -16.04 10.16
C VAL A 251 7.55 -16.67 9.35
N ALA A 252 6.32 -16.39 9.75
CA ALA A 252 5.15 -16.94 9.05
C ALA A 252 5.00 -16.34 7.63
N GLY A 253 5.50 -15.12 7.43
CA GLY A 253 5.29 -14.39 6.18
C GLY A 253 6.54 -14.18 5.35
N ASN A 254 7.29 -15.25 5.12
CA ASN A 254 8.49 -15.21 4.28
C ASN A 254 8.15 -15.15 2.79
N ASN A 255 6.97 -15.68 2.43
CA ASN A 255 6.50 -15.60 1.06
C ASN A 255 5.37 -14.58 0.92
N LEU A 256 5.51 -13.71 -0.05
CA LEU A 256 4.49 -12.69 -0.27
C LEU A 256 4.50 -12.17 -1.68
N VAL A 257 3.32 -11.82 -2.16
CA VAL A 257 3.09 -11.16 -3.43
C VAL A 257 2.26 -9.92 -3.15
N PHE A 258 2.63 -8.80 -3.76
CA PHE A 258 1.93 -7.55 -3.50
C PHE A 258 2.10 -6.58 -4.64
N SER A 259 1.10 -5.70 -4.83
CA SER A 259 1.19 -4.63 -5.79
C SER A 259 2.03 -3.46 -5.24
N SER A 260 2.89 -2.89 -6.05
CA SER A 260 3.89 -1.96 -5.54
C SER A 260 4.36 -0.96 -6.62
N TYR A 261 5.51 -0.34 -6.37
CA TYR A 261 6.00 0.77 -7.15
C TYR A 261 7.51 0.66 -7.14
N PRO A 262 8.19 1.31 -8.11
CA PRO A 262 9.66 1.24 -8.05
C PRO A 262 10.25 1.84 -6.76
N GLY A 263 11.19 1.11 -6.16
CA GLY A 263 11.91 1.61 -5.00
C GLY A 263 11.13 1.56 -3.68
N THR A 264 9.93 0.98 -3.73
CA THR A 264 9.03 0.95 -2.60
C THR A 264 9.04 -0.49 -2.08
N ILE A 265 9.53 -0.67 -0.86
CA ILE A 265 9.75 -2.02 -0.35
C ILE A 265 8.57 -2.55 0.46
N PHE A 266 7.38 -2.02 0.16
CA PHE A 266 6.13 -2.49 0.70
C PHE A 266 5.09 -2.12 -0.38
N SER A 267 3.81 -2.41 -0.15
CA SER A 267 2.78 -2.14 -1.14
C SER A 267 2.50 -0.65 -1.37
N GLY A 268 2.00 0.06 -0.35
CA GLY A 268 1.56 1.43 -0.55
C GLY A 268 0.09 1.51 -0.90
N ASP A 269 -0.45 0.44 -1.52
CA ASP A 269 -1.84 0.40 -1.99
C ASP A 269 -2.94 0.41 -0.91
N ASP A 270 -2.97 -0.53 0.06
CA ASP A 270 -2.07 -1.70 0.18
C ASP A 270 -2.83 -2.96 -0.20
N PHE A 271 -2.12 -3.92 -0.80
CA PHE A 271 -2.70 -5.22 -1.09
C PHE A 271 -1.61 -6.30 -1.10
N TYR A 272 -1.71 -7.26 -0.18
CA TYR A 272 -0.72 -8.33 -0.03
C TYR A 272 -1.38 -9.68 0.02
N ILE A 273 -0.75 -10.69 -0.59
CA ILE A 273 -1.12 -12.08 -0.40
C ILE A 273 0.07 -12.72 0.28
N LEU A 274 -0.18 -13.23 1.48
CA LEU A 274 0.88 -13.73 2.32
C LEU A 274 0.88 -15.25 2.33
N GLY A 275 2.06 -15.84 2.38
CA GLY A 275 2.19 -17.30 2.37
C GLY A 275 1.70 -17.95 3.67
N SER A 276 1.39 -17.14 4.67
CA SER A 276 0.77 -17.63 5.89
C SER A 276 -0.76 -17.81 5.77
N GLY A 277 -1.32 -17.62 4.58
CA GLY A 277 -2.75 -17.80 4.39
C GLY A 277 -3.56 -16.52 4.57
N LEU A 278 -2.90 -15.39 4.82
CA LEU A 278 -3.59 -14.13 5.00
C LEU A 278 -3.56 -13.26 3.73
N VAL A 279 -4.64 -12.50 3.50
CA VAL A 279 -4.63 -11.38 2.58
C VAL A 279 -4.85 -10.10 3.40
N THR A 280 -3.97 -9.12 3.24
CA THR A 280 -4.10 -7.85 3.98
C THR A 280 -4.27 -6.70 3.00
N LEU A 281 -5.23 -5.83 3.29
CA LEU A 281 -5.51 -4.70 2.42
C LEU A 281 -6.10 -3.56 3.25
N GLU A 282 -5.99 -2.34 2.73
CA GLU A 282 -6.55 -1.19 3.44
C GLU A 282 -7.16 -0.14 2.51
N THR A 283 -8.04 0.71 3.05
CA THR A 283 -8.31 1.99 2.42
C THR A 283 -8.03 3.10 3.47
N THR A 284 -7.55 4.25 3.03
CA THR A 284 -7.18 5.32 3.94
C THR A 284 -8.35 6.12 4.54
N ILE A 285 -8.31 6.31 5.87
CA ILE A 285 -9.35 7.10 6.54
C ILE A 285 -8.89 8.54 6.89
N GLY A 286 -7.60 8.73 7.13
CA GLY A 286 -7.06 10.01 7.55
C GLY A 286 -7.58 10.44 8.91
N ASN A 287 -7.41 11.73 9.22
CA ASN A 287 -7.84 12.34 10.47
C ASN A 287 -8.17 13.79 10.19
N LYS A 288 -9.33 14.22 10.66
CA LYS A 288 -9.72 15.62 10.52
C LYS A 288 -9.81 16.35 11.87
N ASN A 289 -9.36 15.71 12.93
CA ASN A 289 -9.34 16.32 14.26
C ASN A 289 -7.92 16.77 14.66
N PRO A 290 -7.66 18.10 14.61
CA PRO A 290 -6.34 18.70 14.87
C PRO A 290 -5.89 18.57 16.34
N ALA A 291 -6.83 18.29 17.24
CA ALA A 291 -6.47 18.04 18.64
C ALA A 291 -5.77 16.67 18.79
N LEU A 292 -5.75 15.86 17.72
CA LEU A 292 -5.12 14.54 17.78
C LEU A 292 -3.68 14.55 17.27
N TRP A 293 -3.24 15.64 16.64
CA TRP A 293 -1.89 15.70 16.08
C TRP A 293 -0.78 15.58 17.13
N LYS A 294 -1.09 15.90 18.40
CA LYS A 294 -0.13 15.80 19.49
C LYS A 294 0.32 14.36 19.78
N TYR A 295 -0.45 13.40 19.26
CA TYR A 295 -0.05 11.98 19.34
C TYR A 295 0.93 11.53 18.26
N VAL A 296 1.24 12.40 17.31
CA VAL A 296 2.27 12.14 16.32
C VAL A 296 3.59 12.68 16.90
N GLN A 297 4.45 11.77 17.37
CA GLN A 297 5.71 12.14 18.03
C GLN A 297 6.85 11.38 17.37
N PRO A 298 8.08 11.94 17.37
CA PRO A 298 9.21 11.16 16.83
C PRO A 298 9.71 9.99 17.69
N GLN A 299 9.43 10.01 18.99
CA GLN A 299 9.86 8.91 19.84
C GLN A 299 8.63 8.22 20.32
N GLY A 300 8.60 6.89 20.19
CA GLY A 300 7.46 6.12 20.63
C GLY A 300 6.49 5.82 19.51
N CYS A 301 6.91 6.13 18.29
CA CYS A 301 6.10 5.96 17.09
C CYS A 301 6.94 5.31 16.00
N VAL A 302 6.44 4.24 15.41
CA VAL A 302 7.11 3.60 14.29
C VAL A 302 6.24 3.95 13.10
N LEU A 303 6.83 4.41 12.00
CA LEU A 303 6.01 4.78 10.83
C LEU A 303 5.21 3.60 10.30
N GLU A 304 4.05 3.91 9.75
CA GLU A 304 3.07 2.93 9.33
C GLU A 304 3.64 1.91 8.35
N TRP A 305 4.48 2.33 7.41
CA TRP A 305 5.00 1.40 6.40
C TRP A 305 5.80 0.28 7.06
N ILE A 306 6.57 0.60 8.11
CA ILE A 306 7.33 -0.42 8.86
C ILE A 306 6.39 -1.32 9.67
N ARG A 307 5.42 -0.73 10.37
CA ARG A 307 4.48 -1.51 11.15
C ARG A 307 3.71 -2.49 10.27
N ASN A 308 3.39 -2.08 9.04
CA ASN A 308 2.69 -2.90 8.05
C ASN A 308 3.56 -4.10 7.62
N VAL A 309 4.82 -3.83 7.32
CA VAL A 309 5.78 -4.85 6.91
C VAL A 309 6.04 -5.87 8.03
N VAL A 310 6.27 -5.36 9.24
CA VAL A 310 6.50 -6.21 10.41
C VAL A 310 5.31 -7.14 10.74
N ALA A 311 4.09 -6.58 10.77
CA ALA A 311 2.85 -7.35 11.01
C ALA A 311 2.66 -8.44 9.95
N ASN A 312 2.88 -8.09 8.68
CA ASN A 312 2.76 -9.03 7.57
C ASN A 312 3.69 -10.21 7.73
N ARG A 313 4.92 -9.94 8.21
CA ARG A 313 5.92 -10.98 8.45
C ARG A 313 5.62 -11.91 9.61
N LEU A 314 5.13 -11.34 10.72
CA LEU A 314 5.00 -12.09 11.99
C LEU A 314 3.69 -12.85 12.15
N ALA A 315 2.62 -12.31 11.55
CA ALA A 315 1.25 -12.77 11.76
C ALA A 315 0.99 -14.19 11.26
N LEU A 316 0.25 -14.92 12.09
CA LEU A 316 -0.28 -16.22 11.79
C LEU A 316 -1.76 -16.08 11.49
N ASP A 317 -2.39 -15.08 12.08
CA ASP A 317 -3.83 -14.90 11.95
C ASP A 317 -4.14 -13.42 12.10
N GLY A 318 -5.42 -13.07 11.93
CA GLY A 318 -5.91 -11.70 12.03
C GLY A 318 -5.60 -11.03 13.35
N ALA A 319 -5.81 -11.76 14.44
CA ALA A 319 -5.61 -11.24 15.80
C ALA A 319 -4.15 -10.89 16.05
N THR A 320 -3.24 -11.77 15.63
CA THR A 320 -1.81 -11.53 15.77
CA THR A 320 -1.81 -11.48 15.81
C THR A 320 -1.33 -10.36 14.91
N TRP A 321 -1.91 -10.24 13.71
CA TRP A 321 -1.56 -9.15 12.81
C TRP A 321 -1.87 -7.81 13.48
N ALA A 322 -3.10 -7.69 13.99
CA ALA A 322 -3.53 -6.49 14.69
C ALA A 322 -2.68 -6.19 15.94
N ASP A 323 -2.38 -7.22 16.73
CA ASP A 323 -1.51 -7.10 17.93
C ASP A 323 -0.13 -6.50 17.62
N VAL A 324 0.52 -7.01 16.58
CA VAL A 324 1.81 -6.49 16.13
C VAL A 324 1.75 -5.07 15.52
N PHE A 325 0.80 -4.85 14.61
CA PHE A 325 0.68 -3.59 13.88
C PHE A 325 0.40 -2.37 14.77
N LYS A 326 -0.36 -2.59 15.84
CA LYS A 326 -0.79 -1.46 16.62
C LYS A 326 0.23 -1.00 17.66
N ARG A 327 1.36 -1.71 17.77
CA ARG A 327 2.43 -1.30 18.65
C ARG A 327 3.08 -0.06 18.07
N PHE A 328 3.32 0.93 18.93
CA PHE A 328 4.02 2.17 18.55
C PHE A 328 3.30 2.91 17.43
N ASN A 329 1.98 3.01 17.56
CA ASN A 329 1.11 3.70 16.60
C ASN A 329 1.51 5.16 16.36
N SER A 330 1.87 5.45 15.11
CA SER A 330 2.39 6.77 14.75
C SER A 330 1.30 7.79 14.50
N GLY A 331 0.06 7.32 14.26
CA GLY A 331 -1.01 8.22 13.90
C GLY A 331 -0.77 8.85 12.53
N THR A 332 0.04 8.16 11.70
CA THR A 332 0.30 8.59 10.34
C THR A 332 -0.06 7.44 9.39
N TYR A 333 -0.47 7.79 8.17
CA TYR A 333 -1.12 6.84 7.23
C TYR A 333 -2.24 6.07 7.94
N ASN A 334 -3.23 6.83 8.38
CA ASN A 334 -4.36 6.32 9.14
C ASN A 334 -5.37 5.61 8.23
N ASN A 335 -5.48 4.30 8.40
CA ASN A 335 -6.19 3.41 7.49
C ASN A 335 -7.20 2.53 8.20
N GLN A 336 -8.16 2.06 7.42
CA GLN A 336 -8.92 0.89 7.82
C GLN A 336 -8.29 -0.34 7.14
N TRP A 337 -7.76 -1.23 7.96
CA TRP A 337 -7.19 -2.48 7.51
C TRP A 337 -8.22 -3.61 7.57
N MET A 338 -8.24 -4.44 6.53
CA MET A 338 -8.99 -5.71 6.52
C MET A 338 -7.97 -6.84 6.45
N ILE A 339 -8.06 -7.80 7.37
CA ILE A 339 -7.18 -8.98 7.34
C ILE A 339 -8.06 -10.18 7.09
N VAL A 340 -7.89 -10.81 5.93
CA VAL A 340 -8.66 -11.98 5.57
C VAL A 340 -7.79 -13.22 5.82
N ASP A 341 -8.29 -14.15 6.63
CA ASP A 341 -7.53 -15.35 6.94
C ASP A 341 -8.15 -16.54 6.21
N TYR A 342 -7.58 -16.89 5.06
CA TYR A 342 -8.16 -17.95 4.26
C TYR A 342 -8.09 -19.34 4.89
N LYS A 343 -7.18 -19.53 5.86
CA LYS A 343 -7.09 -20.75 6.64
C LYS A 343 -8.35 -21.01 7.45
N ALA A 344 -9.12 -19.96 7.73
CA ALA A 344 -10.36 -20.13 8.49
C ALA A 344 -11.59 -20.24 7.57
N PHE A 345 -11.37 -20.15 6.26
CA PHE A 345 -12.47 -20.22 5.30
C PHE A 345 -12.67 -21.65 4.80
N LEU A 346 -13.87 -22.19 5.00
CA LEU A 346 -14.21 -23.51 4.42
C LEU A 346 -15.19 -23.29 3.28
N PRO A 347 -14.76 -23.57 2.03
CA PRO A 347 -15.65 -23.44 0.88
C PRO A 347 -16.94 -24.22 1.12
N ASN A 348 -18.08 -23.58 0.87
CA ASN A 348 -19.40 -24.18 1.07
C ASN A 348 -19.80 -24.32 2.54
N GLY A 349 -18.88 -23.96 3.44
CA GLY A 349 -19.13 -24.08 4.86
C GLY A 349 -20.00 -22.97 5.41
N PRO A 350 -20.56 -23.18 6.61
CA PRO A 350 -21.33 -22.13 7.31
C PRO A 350 -20.36 -21.15 8.02
N SER A 351 -20.89 -20.08 8.62
CA SER A 351 -20.04 -19.18 9.41
C SER A 351 -19.27 -19.95 10.49
N PRO A 352 -17.93 -19.80 10.51
CA PRO A 352 -17.19 -20.40 11.62
C PRO A 352 -17.25 -19.52 12.87
N GLY A 353 -17.89 -18.36 12.77
CA GLY A 353 -18.06 -17.48 13.92
C GLY A 353 -16.94 -16.48 14.15
N SER A 354 -15.71 -16.84 13.76
CA SER A 354 -14.54 -15.98 13.97
C SER A 354 -13.40 -16.30 13.01
N ARG A 355 -12.37 -15.44 13.05
CA ARG A 355 -11.05 -15.64 12.41
C ARG A 355 -10.95 -15.28 10.92
N VAL A 356 -12.07 -15.30 10.21
CA VAL A 356 -12.03 -15.11 8.77
C VAL A 356 -11.69 -13.63 8.45
N LEU A 357 -12.40 -12.70 9.09
CA LEU A 357 -12.18 -11.29 8.84
C LEU A 357 -11.95 -10.49 10.11
N THR A 358 -10.85 -9.75 10.12
CA THR A 358 -10.51 -8.88 11.24
C THR A 358 -10.49 -7.46 10.66
N ILE A 359 -11.12 -6.53 11.35
CA ILE A 359 -11.06 -5.14 10.96
C ILE A 359 -10.29 -4.31 12.00
N LEU A 360 -9.39 -3.46 11.51
CA LEU A 360 -8.59 -2.58 12.36
C LEU A 360 -8.66 -1.15 11.81
N GLU A 361 -8.88 -0.18 12.70
CA GLU A 361 -8.87 1.22 12.32
C GLU A 361 -7.91 2.01 13.21
N GLN A 362 -7.10 2.84 12.56
CA GLN A 362 -6.06 3.63 13.22
C GLN A 362 -6.30 5.12 12.97
N ILE A 363 -6.32 5.88 14.06
CA ILE A 363 -6.13 7.33 14.03
C ILE A 363 -5.05 7.66 15.09
N PRO A 364 -4.58 8.92 15.15
CA PRO A 364 -3.54 9.21 16.18
C PRO A 364 -4.09 9.01 17.58
N GLY A 365 -3.38 8.25 18.40
CA GLY A 365 -3.81 7.94 19.77
C GLY A 365 -4.86 6.85 19.97
N MET A 366 -5.35 6.25 18.89
CA MET A 366 -6.43 5.26 18.99
C MET A 366 -6.35 4.22 17.86
N VAL A 367 -6.42 2.94 18.23
CA VAL A 367 -6.58 1.83 17.31
C VAL A 367 -7.72 0.95 17.82
N VAL A 368 -8.74 0.73 16.98
CA VAL A 368 -9.87 -0.16 17.30
C VAL A 368 -9.79 -1.42 16.43
N VAL A 369 -9.92 -2.58 17.06
CA VAL A 369 -9.84 -3.88 16.39
C VAL A 369 -11.12 -4.68 16.69
N ALA A 370 -11.67 -5.35 15.69
CA ALA A 370 -12.77 -6.29 15.91
C ALA A 370 -12.73 -7.39 14.87
N ASP A 371 -13.13 -8.60 15.28
CA ASP A 371 -13.35 -9.71 14.38
C ASP A 371 -14.73 -9.48 13.74
N LYS A 372 -14.79 -9.49 12.42
CA LYS A 372 -16.04 -9.16 11.72
C LYS A 372 -16.55 -10.30 10.85
N THR A 373 -16.15 -11.52 11.21
CA THR A 373 -16.58 -12.75 10.54
C THR A 373 -18.12 -12.88 10.49
N ALA A 374 -18.77 -12.73 11.64
CA ALA A 374 -20.21 -12.95 11.75
C ALA A 374 -20.98 -11.95 10.87
N GLU A 375 -20.53 -10.69 10.89
CA GLU A 375 -21.06 -9.63 10.06
C GLU A 375 -20.88 -9.91 8.54
N LEU A 376 -19.71 -10.42 8.15
CA LEU A 376 -19.44 -10.84 6.78
C LEU A 376 -20.37 -11.98 6.34
N TYR A 377 -20.54 -12.99 7.19
CA TYR A 377 -21.46 -14.08 6.87
C TYR A 377 -22.92 -13.65 6.85
N LYS A 378 -23.28 -12.72 7.72
CA LYS A 378 -24.62 -12.14 7.77
C LYS A 378 -24.97 -11.31 6.51
N THR A 379 -24.13 -10.33 6.13
CA THR A 379 -24.45 -9.45 4.99
C THR A 379 -23.93 -10.03 3.65
N THR A 380 -23.04 -11.01 3.75
CA THR A 380 -22.30 -11.63 2.66
C THR A 380 -21.17 -10.74 2.04
N TYR A 381 -20.95 -9.53 2.57
CA TYR A 381 -19.85 -8.72 2.09
C TYR A 381 -19.31 -7.72 3.11
N TRP A 382 -18.10 -7.24 2.82
CA TRP A 382 -17.51 -6.13 3.54
C TRP A 382 -16.93 -5.15 2.52
N ALA A 383 -17.47 -3.94 2.48
CA ALA A 383 -16.95 -2.90 1.59
C ALA A 383 -16.16 -1.86 2.38
N SER A 384 -15.16 -1.28 1.73
CA SER A 384 -14.36 -0.24 2.36
C SER A 384 -14.12 0.88 1.35
N TYR A 385 -14.18 2.10 1.83
CA TYR A 385 -14.25 3.28 0.96
C TYR A 385 -13.88 4.57 1.71
N ASN A 386 -12.75 4.55 2.43
CA ASN A 386 -12.17 5.78 3.03
C ASN A 386 -12.91 6.40 4.21
N ILE A 387 -13.88 5.70 4.79
CA ILE A 387 -14.60 6.21 5.95
C ILE A 387 -14.57 5.13 7.03
N PRO A 388 -14.19 5.50 8.27
CA PRO A 388 -14.13 4.49 9.32
C PRO A 388 -15.50 3.89 9.64
N TYR A 389 -15.50 2.59 9.86
CA TYR A 389 -16.68 1.85 10.29
C TYR A 389 -16.97 2.05 11.78
N PHE A 390 -15.94 2.03 12.61
CA PHE A 390 -16.10 2.21 14.06
C PHE A 390 -16.50 3.65 14.39
N GLU A 391 -17.67 3.77 15.02
CA GLU A 391 -18.26 5.03 15.46
C GLU A 391 -17.40 5.86 16.39
N THR A 392 -16.64 5.21 17.28
CA THR A 392 -15.72 5.94 18.15
C THR A 392 -14.59 6.60 17.35
N VAL A 393 -14.15 5.94 16.29
CA VAL A 393 -13.13 6.44 15.38
C VAL A 393 -13.72 7.50 14.43
N PHE A 394 -14.90 7.22 13.87
CA PHE A 394 -15.66 8.20 13.09
C PHE A 394 -15.82 9.49 13.88
N ASN A 395 -16.34 9.41 15.10
CA ASN A 395 -16.49 10.58 15.97
C ASN A 395 -15.17 11.25 16.41
N ALA A 396 -14.16 10.46 16.81
CA ALA A 396 -12.90 11.07 17.27
C ALA A 396 -12.13 11.80 16.17
N SER A 397 -12.33 11.40 14.90
CA SER A 397 -11.52 11.98 13.82
C SER A 397 -12.21 13.14 13.10
N GLY A 398 -13.33 13.59 13.65
CA GLY A 398 -13.94 14.84 13.23
C GLY A 398 -14.89 14.76 12.04
N LEU A 399 -15.44 13.58 11.76
CA LEU A 399 -16.30 13.42 10.57
C LEU A 399 -17.75 13.88 10.76
N GLN A 400 -18.22 13.92 12.01
CA GLN A 400 -19.57 14.43 12.33
C GLN A 400 -19.80 15.87 11.87
N ALA A 401 -18.78 16.71 12.03
CA ALA A 401 -18.84 18.12 11.66
C ALA A 401 -18.85 18.26 10.17
N LEU A 402 -18.17 17.35 9.47
CA LEU A 402 -18.21 17.30 8.01
C LEU A 402 -19.55 16.77 7.48
N VAL A 403 -20.12 15.73 8.11
CA VAL A 403 -21.50 15.32 7.80
C VAL A 403 -22.45 16.51 7.99
N ALA A 404 -22.30 17.24 9.08
CA ALA A 404 -23.19 18.36 9.39
C ALA A 404 -23.05 19.50 8.38
N GLN A 405 -21.83 19.79 7.95
CA GLN A 405 -21.59 20.85 6.97
C GLN A 405 -21.96 20.48 5.51
N TYR A 406 -21.64 19.25 5.10
CA TYR A 406 -21.74 18.82 3.70
C TYR A 406 -22.70 17.66 3.44
N GLY A 407 -23.17 16.98 4.49
CA GLY A 407 -24.14 15.90 4.28
C GLY A 407 -23.55 14.51 4.04
N ASP A 408 -24.27 13.71 3.26
CA ASP A 408 -24.07 12.28 3.14
C ASP A 408 -22.77 11.80 2.53
N TRP A 409 -22.07 12.68 1.83
CA TRP A 409 -20.79 12.35 1.24
C TRP A 409 -19.76 11.88 2.30
N PHE A 410 -19.93 12.35 3.56
CA PHE A 410 -19.00 12.03 4.65
C PHE A 410 -19.58 11.01 5.60
N SER A 411 -20.83 10.63 5.34
CA SER A 411 -21.52 9.64 6.13
C SER A 411 -21.08 8.21 5.77
N TYR A 412 -21.02 7.31 6.75
CA TYR A 412 -20.55 5.94 6.49
C TYR A 412 -21.49 5.10 5.60
N THR A 413 -22.79 5.19 5.86
CA THR A 413 -23.76 4.33 5.21
C THR A 413 -24.38 4.98 3.97
N LYS A 414 -24.32 6.31 3.88
CA LYS A 414 -25.06 7.05 2.84
C LYS A 414 -24.25 7.78 1.80
N ASN A 415 -22.93 7.61 1.81
CA ASN A 415 -22.11 8.20 0.77
C ASN A 415 -22.30 7.43 -0.56
N PRO A 416 -21.94 8.06 -1.70
CA PRO A 416 -22.15 7.42 -3.01
C PRO A 416 -21.58 6.00 -3.18
N ARG A 417 -20.32 5.79 -2.81
CA ARG A 417 -19.71 4.44 -2.92
C ARG A 417 -20.38 3.39 -2.06
N ALA A 418 -20.68 3.73 -0.81
CA ALA A 418 -21.47 2.89 0.09
C ALA A 418 -22.79 2.53 -0.56
N LYS A 419 -23.43 3.51 -1.20
CA LYS A 419 -24.70 3.29 -1.89
C LYS A 419 -24.59 2.42 -3.14
N ILE A 420 -23.55 2.62 -3.95
CA ILE A 420 -23.31 1.74 -5.10
C ILE A 420 -23.02 0.28 -4.68
N PHE A 421 -22.15 0.09 -3.68
CA PHE A 421 -21.89 -1.23 -3.11
C PHE A 421 -23.19 -1.87 -2.59
N GLN A 422 -24.01 -1.09 -1.88
CA GLN A 422 -25.28 -1.60 -1.36
C GLN A 422 -26.20 -2.10 -2.48
N ARG A 423 -26.28 -1.35 -3.58
CA ARG A 423 -27.14 -1.80 -4.64
C ARG A 423 -26.56 -2.85 -5.60
N ASP A 424 -25.22 -2.93 -5.73
CA ASP A 424 -24.57 -3.74 -6.77
C ASP A 424 -23.71 -4.94 -6.32
N GLN A 425 -23.33 -5.00 -5.03
CA GLN A 425 -22.37 -6.04 -4.57
C GLN A 425 -22.87 -7.44 -4.86
N SER A 426 -24.19 -7.68 -4.74
CA SER A 426 -24.73 -9.03 -4.93
C SER A 426 -24.60 -9.55 -6.36
N LEU A 427 -24.42 -8.64 -7.33
CA LEU A 427 -24.15 -9.01 -8.71
C LEU A 427 -22.75 -9.57 -8.91
N VAL A 428 -21.85 -9.45 -7.93
CA VAL A 428 -20.57 -10.16 -8.04
C VAL A 428 -20.68 -11.64 -7.66
N GLU A 429 -20.65 -12.45 -8.70
CA GLU A 429 -20.94 -13.88 -8.60
C GLU A 429 -19.71 -14.66 -9.01
N ASP A 430 -18.67 -13.92 -9.44
CA ASP A 430 -17.44 -14.51 -9.93
C ASP A 430 -16.35 -13.44 -10.04
N MET A 431 -15.18 -13.86 -10.49
CA MET A 431 -14.01 -13.00 -10.54
C MET A 431 -14.14 -11.84 -11.52
N ASP A 432 -14.64 -12.12 -12.73
CA ASP A 432 -14.83 -11.08 -13.74
C ASP A 432 -15.87 -10.04 -13.31
N ALA A 433 -16.93 -10.49 -12.64
CA ALA A 433 -17.92 -9.57 -12.12
C ALA A 433 -17.34 -8.66 -11.03
N MET A 434 -16.39 -9.19 -10.26
CA MET A 434 -15.69 -8.42 -9.26
C MET A 434 -14.85 -7.31 -9.90
N VAL A 435 -14.11 -7.66 -10.95
CA VAL A 435 -13.33 -6.71 -11.71
C VAL A 435 -14.22 -5.58 -12.26
N ARG A 436 -15.38 -5.97 -12.81
CA ARG A 436 -16.34 -5.02 -13.37
CA ARG A 436 -16.34 -5.04 -13.38
C ARG A 436 -16.84 -4.04 -12.33
N LEU A 437 -17.20 -4.52 -11.14
CA LEU A 437 -17.66 -3.63 -10.07
C LEU A 437 -16.49 -2.75 -9.56
N MET A 438 -15.31 -3.36 -9.40
CA MET A 438 -14.16 -2.62 -8.89
C MET A 438 -13.67 -1.54 -9.87
N ARG A 439 -14.00 -1.70 -11.16
CA ARG A 439 -13.66 -0.71 -12.20
C ARG A 439 -14.84 0.21 -12.49
N TYR A 440 -15.92 0.06 -11.74
CA TYR A 440 -17.15 0.79 -12.05
C TYR A 440 -17.09 2.30 -11.93
N ASN A 441 -17.43 2.96 -13.04
CA ASN A 441 -17.62 4.40 -13.11
C ASN A 441 -18.51 4.72 -14.30
N ASP A 442 -19.74 5.13 -14.03
CA ASP A 442 -20.63 5.55 -15.11
C ASP A 442 -21.30 6.83 -14.64
N PHE A 443 -20.46 7.82 -14.31
CA PHE A 443 -20.90 8.98 -13.55
C PHE A 443 -21.86 9.87 -14.31
N LEU A 444 -21.77 9.86 -15.64
CA LEU A 444 -22.68 10.68 -16.45
C LEU A 444 -24.11 10.19 -16.41
N HIS A 445 -24.30 8.90 -16.15
CA HIS A 445 -25.65 8.29 -16.20
C HIS A 445 -26.13 7.72 -14.88
N ASP A 446 -25.23 7.49 -13.92
CA ASP A 446 -25.62 6.90 -12.65
C ASP A 446 -26.16 7.94 -11.65
N PRO A 447 -27.43 7.78 -11.21
CA PRO A 447 -27.98 8.74 -10.23
C PRO A 447 -27.20 8.81 -8.90
N LEU A 448 -26.52 7.74 -8.53
CA LEU A 448 -25.70 7.72 -7.32
C LEU A 448 -24.40 8.57 -7.46
N SER A 449 -24.04 8.92 -8.69
CA SER A 449 -22.92 9.84 -8.94
C SER A 449 -23.26 11.34 -8.96
N LEU A 450 -24.53 11.69 -8.73
CA LEU A 450 -24.98 13.11 -8.73
C LEU A 450 -24.60 13.81 -7.45
N CYS A 451 -23.93 14.94 -7.57
CA CYS A 451 -23.67 15.79 -6.43
C CYS A 451 -24.58 17.03 -6.54
N GLU A 452 -25.56 17.11 -5.65
CA GLU A 452 -26.55 18.20 -5.67
C GLU A 452 -25.94 19.61 -5.49
N ALA A 453 -24.93 19.72 -4.65
CA ALA A 453 -24.20 20.99 -4.44
C ALA A 453 -23.31 21.42 -5.61
N CYS A 454 -23.04 20.51 -6.54
CA CYS A 454 -22.10 20.76 -7.65
C CYS A 454 -22.78 21.27 -8.93
N ASN A 455 -21.99 21.96 -9.76
CA ASN A 455 -22.41 22.34 -11.11
C ASN A 455 -21.24 22.07 -12.04
N PRO A 456 -21.35 21.07 -12.92
CA PRO A 456 -22.49 20.18 -13.20
C PRO A 456 -22.72 19.18 -12.07
N LYS A 457 -23.89 18.54 -12.05
CA LYS A 457 -24.22 17.64 -10.95
C LYS A 457 -23.49 16.29 -10.99
N PRO A 458 -23.41 15.65 -12.18
CA PRO A 458 -22.66 14.39 -12.11
C PRO A 458 -21.16 14.65 -11.79
N ASN A 459 -20.58 13.82 -10.94
CA ASN A 459 -19.19 13.98 -10.57
C ASN A 459 -18.45 12.64 -10.63
N ALA A 460 -17.35 12.65 -11.37
CA ALA A 460 -16.54 11.48 -11.66
C ALA A 460 -15.78 10.90 -10.44
N GLU A 461 -15.81 11.62 -9.33
CA GLU A 461 -15.28 11.14 -8.05
C GLU A 461 -16.24 10.14 -7.37
N ASN A 462 -17.52 10.24 -7.72
CA ASN A 462 -18.57 9.48 -7.03
C ASN A 462 -18.78 8.13 -7.71
N ALA A 463 -17.80 7.25 -7.56
CA ALA A 463 -17.73 6.01 -8.31
C ALA A 463 -16.85 5.02 -7.57
N ILE A 464 -16.96 3.74 -7.89
CA ILE A 464 -16.06 2.76 -7.29
C ILE A 464 -14.62 3.05 -7.73
N SER A 465 -14.44 3.30 -9.03
CA SER A 465 -13.13 3.69 -9.60
C SER A 465 -13.16 5.16 -10.08
N ALA A 466 -12.67 6.09 -9.26
CA ALA A 466 -12.77 7.53 -9.61
C ALA A 466 -12.01 7.97 -10.88
N ARG A 467 -12.55 8.96 -11.60
CA ARG A 467 -11.87 9.58 -12.74
C ARG A 467 -11.95 11.10 -12.63
N SER A 468 -11.18 11.67 -11.70
CA SER A 468 -11.28 13.10 -11.42
C SER A 468 -10.85 13.95 -12.63
N ASP A 469 -10.00 13.38 -13.48
CA ASP A 469 -9.57 14.03 -14.71
C ASP A 469 -10.74 14.49 -15.60
N LEU A 470 -11.92 13.89 -15.40
CA LEU A 470 -13.07 14.06 -16.28
C LEU A 470 -14.08 15.10 -15.80
N ASN A 471 -13.90 15.57 -14.57
CA ASN A 471 -14.65 16.73 -14.09
C ASN A 471 -14.19 18.00 -14.83
N PRO A 472 -15.14 18.89 -15.20
CA PRO A 472 -14.73 20.15 -15.85
C PRO A 472 -13.93 21.08 -14.93
N ALA A 473 -12.89 21.71 -15.49
CA ALA A 473 -12.02 22.63 -14.74
C ALA A 473 -12.72 23.90 -14.22
N ASN A 474 -13.74 24.34 -14.96
CA ASN A 474 -14.55 25.51 -14.55
C ASN A 474 -15.82 25.11 -13.78
N GLY A 475 -15.88 23.87 -13.32
CA GLY A 475 -17.02 23.41 -12.53
C GLY A 475 -17.07 24.09 -11.19
N SER A 476 -18.26 24.07 -10.60
CA SER A 476 -18.44 24.65 -9.28
C SER A 476 -18.59 23.49 -8.26
N TYR A 477 -17.66 23.40 -7.31
CA TYR A 477 -17.60 22.27 -6.37
C TYR A 477 -17.51 22.72 -4.92
N PRO A 478 -18.21 22.04 -4.00
CA PRO A 478 -18.21 22.47 -2.59
C PRO A 478 -16.95 22.17 -1.78
N PHE A 479 -16.15 21.20 -2.22
CA PHE A 479 -14.87 20.86 -1.57
C PHE A 479 -13.90 20.25 -2.57
N GLN A 480 -12.61 20.26 -2.19
CA GLN A 480 -11.50 19.92 -3.08
CA GLN A 480 -11.50 19.92 -3.10
C GLN A 480 -11.57 18.54 -3.74
N ALA A 481 -12.01 17.53 -2.99
CA ALA A 481 -12.10 16.15 -3.50
C ALA A 481 -12.88 16.03 -4.81
N LEU A 482 -13.83 16.94 -5.01
CA LEU A 482 -14.74 16.92 -6.16
C LEU A 482 -14.21 17.60 -7.43
N HIS A 483 -13.06 18.26 -7.32
CA HIS A 483 -12.51 19.04 -8.42
C HIS A 483 -11.96 18.19 -9.55
N GLN A 484 -11.65 18.86 -10.66
CA GLN A 484 -10.82 18.23 -11.67
C GLN A 484 -9.42 18.05 -11.08
N ARG A 485 -8.89 16.82 -11.18
CA ARG A 485 -7.56 16.47 -10.72
C ARG A 485 -6.99 15.29 -11.51
N ALA A 486 -5.66 15.22 -11.61
CA ALA A 486 -5.00 14.08 -12.24
C ALA A 486 -4.87 12.94 -11.21
N HIS A 487 -6.02 12.38 -10.83
CA HIS A 487 -6.17 11.51 -9.67
C HIS A 487 -7.42 10.65 -9.87
N GLY A 488 -7.34 9.40 -9.44
CA GLY A 488 -8.52 8.53 -9.47
C GLY A 488 -8.11 7.10 -9.25
N GLY A 489 -9.01 6.16 -9.55
CA GLY A 489 -8.71 4.73 -9.48
C GLY A 489 -7.64 4.41 -10.50
N ILE A 490 -6.56 3.76 -10.06
CA ILE A 490 -5.41 3.49 -10.95
C ILE A 490 -5.11 2.02 -11.13
N ASP A 491 -5.87 1.16 -10.46
CA ASP A 491 -5.75 -0.28 -10.66
C ASP A 491 -6.87 -1.09 -9.98
N VAL A 492 -6.86 -2.40 -10.20
CA VAL A 492 -7.69 -3.32 -9.44
C VAL A 492 -6.86 -4.59 -9.25
N LYS A 493 -6.87 -5.13 -8.03
CA LYS A 493 -6.32 -6.45 -7.79
C LYS A 493 -7.44 -7.26 -7.16
N VAL A 494 -7.57 -8.51 -7.61
CA VAL A 494 -8.56 -9.45 -7.11
C VAL A 494 -7.91 -10.80 -6.85
N THR A 495 -8.26 -11.40 -5.71
CA THR A 495 -7.84 -12.78 -5.46
C THR A 495 -9.00 -13.61 -4.92
N SER A 496 -8.77 -14.91 -4.76
CA SER A 496 -9.79 -15.84 -4.26
C SER A 496 -9.11 -16.90 -3.39
N PHE A 497 -9.93 -17.78 -2.81
CA PHE A 497 -9.40 -18.87 -1.99
C PHE A 497 -8.35 -19.68 -2.73
N THR A 498 -8.67 -20.10 -3.95
CA THR A 498 -7.74 -20.89 -4.76
C THR A 498 -6.60 -20.08 -5.33
N LEU A 499 -6.86 -18.87 -5.80
CA LEU A 499 -5.78 -18.03 -6.30
C LEU A 499 -4.73 -17.66 -5.23
N ALA A 500 -5.17 -17.34 -4.00
CA ALA A 500 -4.28 -16.94 -2.92
C ALA A 500 -3.35 -18.08 -2.48
N LYS A 501 -3.92 -19.28 -2.48
CA LYS A 501 -3.21 -20.54 -2.20
C LYS A 501 -2.02 -20.75 -3.14
N TYR A 502 -2.16 -20.28 -4.38
CA TYR A 502 -1.08 -20.34 -5.36
C TYR A 502 -0.38 -19.00 -5.52
N MET A 503 -0.55 -18.14 -4.50
CA MET A 503 0.09 -16.83 -4.44
C MET A 503 -0.19 -16.06 -5.72
N SER A 504 -1.47 -15.95 -6.05
CA SER A 504 -1.82 -15.43 -7.35
C SER A 504 -3.00 -14.48 -7.29
N MET A 505 -3.07 -13.58 -8.27
CA MET A 505 -4.14 -12.58 -8.34
C MET A 505 -4.49 -12.26 -9.79
N LEU A 506 -5.64 -11.66 -9.99
CA LEU A 506 -5.92 -10.92 -11.21
C LEU A 506 -5.60 -9.46 -10.97
N ALA A 507 -4.92 -8.83 -11.92
CA ALA A 507 -4.54 -7.42 -11.77
C ALA A 507 -4.77 -6.61 -13.06
N ALA A 508 -5.43 -5.46 -12.95
CA ALA A 508 -5.56 -4.51 -14.07
C ALA A 508 -4.94 -3.15 -13.72
N SER A 509 -4.12 -2.62 -14.62
CA SER A 509 -3.41 -1.35 -14.38
C SER A 509 -4.01 -0.21 -15.19
N GLY A 510 -4.13 0.98 -14.58
CA GLY A 510 -4.62 2.17 -15.27
C GLY A 510 -5.98 2.65 -14.81
N PRO A 511 -6.34 3.92 -15.12
CA PRO A 511 -7.70 4.40 -14.81
C PRO A 511 -8.75 3.57 -15.53
N THR A 512 -9.96 3.49 -14.99
CA THR A 512 -11.04 2.69 -15.61
C THR A 512 -11.43 3.21 -17.01
N TRP A 513 -11.71 2.28 -17.93
CA TRP A 513 -12.17 2.63 -19.29
C TRP A 513 -13.35 1.74 -19.76
N ASP A 514 -14.03 1.07 -18.82
CA ASP A 514 -15.20 0.22 -19.14
C ASP A 514 -16.35 1.03 -19.71
N GLN A 515 -16.63 2.18 -19.12
CA GLN A 515 -17.74 3.03 -19.54
C GLN A 515 -17.32 4.50 -19.64
N CYS A 516 -16.03 4.74 -19.44
CA CYS A 516 -15.44 6.06 -19.47
C CYS A 516 -14.43 6.04 -20.60
N PRO A 517 -14.17 7.20 -21.24
CA PRO A 517 -13.10 7.18 -22.26
C PRO A 517 -11.74 6.90 -21.60
N PRO A 518 -10.89 6.07 -22.23
CA PRO A 518 -9.58 5.71 -21.71
C PRO A 518 -8.77 6.96 -21.39
N PHE A 519 -8.00 6.93 -20.29
CA PHE A 519 -7.14 8.05 -19.99
C PHE A 519 -5.98 8.03 -20.96
N GLN A 520 -5.62 9.21 -21.44
CA GLN A 520 -4.48 9.37 -22.32
C GLN A 520 -3.79 10.67 -21.95
N TRP A 521 -2.52 10.60 -21.56
CA TRP A 521 -1.77 11.78 -21.09
C TRP A 521 -1.76 12.94 -22.09
N SER A 522 -1.42 12.63 -23.35
CA SER A 522 -1.31 13.65 -24.43
C SER A 522 -2.64 14.32 -24.80
N LYS A 523 -3.74 13.64 -24.51
CA LYS A 523 -5.07 14.16 -24.79
C LYS A 523 -5.82 14.44 -23.49
N SER A 524 -5.13 15.01 -22.51
CA SER A 524 -5.73 15.34 -21.22
C SER A 524 -5.34 16.76 -20.85
N PRO A 525 -6.01 17.36 -19.87
CA PRO A 525 -5.50 18.64 -19.35
C PRO A 525 -4.16 18.57 -18.60
N PHE A 526 -3.51 17.41 -18.59
CA PHE A 526 -2.35 17.17 -17.72
C PHE A 526 -1.14 16.69 -18.51
N HIS A 527 -1.18 16.92 -19.81
CA HIS A 527 -0.11 16.55 -20.75
C HIS A 527 1.30 17.04 -20.36
N SER A 528 1.37 18.13 -19.61
CA SER A 528 2.65 18.71 -19.20
C SER A 528 3.32 18.08 -17.98
N MET A 529 2.52 17.45 -17.12
CA MET A 529 3.05 16.73 -15.97
C MET A 529 4.05 15.67 -16.37
N LEU A 530 5.14 15.57 -15.62
CA LEU A 530 6.09 14.49 -15.83
C LEU A 530 5.43 13.13 -15.58
N HIS A 531 5.63 12.25 -16.55
CA HIS A 531 5.18 10.85 -16.48
C HIS A 531 6.17 9.96 -17.23
N MET A 532 7.46 10.16 -16.96
CA MET A 532 8.52 9.34 -17.56
C MET A 532 8.25 7.83 -17.43
N GLY A 533 8.43 7.13 -18.53
CA GLY A 533 8.40 5.69 -18.57
C GLY A 533 7.00 5.11 -18.68
N GLN A 534 5.98 5.98 -18.64
CA GLN A 534 4.58 5.55 -18.64
C GLN A 534 4.02 5.55 -20.06
N PRO A 535 3.18 4.56 -20.40
CA PRO A 535 2.37 4.59 -21.60
C PRO A 535 1.62 5.93 -21.72
N ASP A 536 1.47 6.43 -22.93
CA ASP A 536 0.64 7.60 -23.15
C ASP A 536 -0.85 7.26 -22.93
N LEU A 537 -1.29 6.16 -23.53
CA LEU A 537 -2.70 5.76 -23.49
C LEU A 537 -2.84 4.59 -22.56
N TRP A 538 -3.86 4.64 -21.72
CA TRP A 538 -4.10 3.62 -20.71
C TRP A 538 -5.37 2.84 -21.03
N MET A 539 -5.17 1.73 -21.72
CA MET A 539 -6.29 0.89 -22.13
C MET A 539 -6.00 -0.60 -21.87
N PHE A 540 -5.50 -0.92 -20.69
CA PHE A 540 -5.05 -2.30 -20.39
C PHE A 540 -6.17 -3.15 -19.78
N SER A 541 -6.16 -4.44 -20.12
CA SER A 541 -7.11 -5.42 -19.57
C SER A 541 -6.45 -6.17 -18.39
N PRO A 542 -7.27 -6.79 -17.52
CA PRO A 542 -6.75 -7.61 -16.41
C PRO A 542 -5.81 -8.73 -16.88
N ILE A 543 -4.80 -9.02 -16.07
CA ILE A 543 -3.90 -10.13 -16.36
C ILE A 543 -3.74 -11.00 -15.11
N ARG A 544 -3.46 -12.28 -15.34
CA ARG A 544 -3.13 -13.23 -14.29
C ARG A 544 -1.69 -13.02 -13.87
N VAL A 545 -1.50 -12.85 -12.57
CA VAL A 545 -0.17 -12.75 -12.00
C VAL A 545 0.02 -13.95 -11.07
N PRO A 546 0.94 -14.88 -11.40
CA PRO A 546 2.08 -14.72 -12.31
C PRO A 546 1.78 -15.15 -13.75
C1 NAG B . 25.67 -11.92 9.53
C2 NAG B . 26.38 -11.41 10.79
C3 NAG B . 27.44 -10.36 10.50
C4 NAG B . 28.37 -10.76 9.36
C5 NAG B . 27.52 -11.18 8.16
C6 NAG B . 28.41 -11.67 7.01
C7 NAG B . 24.74 -9.75 11.69
C8 NAG B . 23.84 -9.48 12.86
N2 NAG B . 25.42 -10.91 11.77
O3 NAG B . 28.20 -10.11 11.65
O4 NAG B . 29.22 -9.67 9.06
O5 NAG B . 26.62 -12.22 8.52
O6 NAG B . 29.10 -12.83 7.45
O7 NAG B . 24.83 -8.93 10.77
C1 NAG B . 30.54 -9.59 9.27
C2 NAG B . 31.25 -8.62 8.30
C3 NAG B . 32.72 -8.44 8.69
C4 NAG B . 32.82 -8.02 10.15
C5 NAG B . 32.12 -9.09 11.01
C6 NAG B . 32.25 -8.83 12.50
C7 NAG B . 30.54 -8.27 5.98
C8 NAG B . 30.34 -8.90 4.64
N2 NAG B . 31.12 -9.03 6.91
O3 NAG B . 33.25 -7.41 7.90
O4 NAG B . 34.17 -7.82 10.52
O5 NAG B . 30.74 -9.16 10.61
O6 NAG B . 31.14 -8.10 12.97
O7 NAG B . 30.17 -7.11 6.17
C1 NAG C . 1.78 23.42 15.20
C2 NAG C . 2.65 23.01 16.42
C3 NAG C . 1.84 22.96 17.72
C4 NAG C . 1.00 24.23 17.91
C5 NAG C . 0.15 24.46 16.66
C6 NAG C . -0.68 25.75 16.79
C7 NAG C . 4.44 21.55 15.59
C8 NAG C . 5.15 20.25 15.80
N2 NAG C . 3.28 21.71 16.21
O3 NAG C . 2.69 22.77 18.83
O4 NAG C . 0.20 24.10 19.08
O5 NAG C . 0.98 24.55 15.50
O6 NAG C . -2.01 25.50 16.41
O7 NAG C . 4.92 22.38 14.84
C1 NAG D . -20.92 10.06 17.86
C2 NAG D . -21.70 9.32 18.96
C3 NAG D . -23.21 9.46 18.80
C4 NAG D . -23.62 10.89 18.51
C5 NAG D . -22.83 11.39 17.29
C6 NAG D . -23.24 12.80 16.90
C7 NAG D . -20.46 7.41 19.84
C8 NAG D . -20.43 5.91 20.03
N2 NAG D . -21.35 7.91 18.98
O3 NAG D . -23.81 9.03 20.00
O4 NAG D . -25.01 10.98 18.30
O5 NAG D . -21.44 11.37 17.61
O6 NAG D . -22.88 13.72 17.91
O7 NAG D . -19.67 8.12 20.46
C1 NAG E . -16.20 25.84 -19.21
C2 NAG E . -16.14 25.09 -20.56
C3 NAG E . -17.16 25.62 -21.60
C4 NAG E . -18.49 26.08 -20.99
C5 NAG E . -18.25 26.89 -19.72
C6 NAG E . -19.55 27.36 -19.05
C7 NAG E . -14.29 24.25 -22.00
C8 NAG E . -12.90 24.50 -22.52
N2 NAG E . -14.79 25.13 -21.12
O3 NAG E . -17.41 24.62 -22.56
O4 NAG E . -19.18 26.83 -21.97
O5 NAG E . -17.54 26.08 -18.82
O6 NAG E . -19.23 28.31 -18.05
O7 NAG E . -14.90 23.26 -22.41
O1 PG4 F . 9.99 18.77 14.08
C1 PG4 F . 10.54 17.95 15.14
C2 PG4 F . 9.63 16.75 15.50
O2 PG4 F . 9.11 16.75 16.85
C3 PG4 F . 7.76 17.24 16.99
C4 PG4 F . 6.69 16.24 16.54
O3 PG4 F . 5.38 16.65 16.95
C5 PG4 F . 4.43 16.79 15.88
C6 PG4 F . 3.03 16.65 16.46
O4 PG4 F . 2.28 17.86 16.32
C7 PG4 F . 1.81 18.40 17.57
C8 PG4 F . 0.56 19.27 17.37
O5 PG4 F . 0.51 19.83 16.05
O1 PG4 G . -7.39 -14.26 14.22
C1 PG4 G . -8.62 -14.05 14.91
C2 PG4 G . -9.39 -12.86 14.30
O2 PG4 G . -10.04 -12.09 15.31
C3 PG4 G . -9.54 -10.74 15.36
C4 PG4 G . -10.03 -9.99 16.60
O3 PG4 G . -8.96 -9.21 17.17
C5 PG4 G . -8.56 -9.71 18.45
C6 PG4 G . -7.50 -8.80 19.07
O4 PG4 G . -6.49 -8.44 18.13
C7 PG4 G . -5.16 -8.38 18.69
C8 PG4 G . -4.85 -7.05 19.39
O5 PG4 G . -5.79 -6.01 19.03
XE XE H . 6.70 8.28 13.45
C1 GOL I . 6.09 -9.63 19.38
O1 GOL I . 7.13 -9.18 18.52
C2 GOL I . 4.81 -9.04 18.82
O2 GOL I . 4.93 -7.65 18.83
C3 GOL I . 3.62 -9.44 19.66
O3 GOL I . 2.58 -8.55 19.31
C ACT J . 14.26 23.70 2.42
O ACT J . 13.39 24.57 2.24
OXT ACT J . 14.59 23.03 1.42
CH3 ACT J . 14.88 23.48 3.78
C1 GOL K . 2.97 4.78 -2.90
O1 GOL K . 1.71 5.42 -3.01
C2 GOL K . 4.03 5.61 -3.62
O2 GOL K . 3.65 5.89 -4.96
C3 GOL K . 5.38 4.86 -3.49
O3 GOL K . 6.28 5.10 -4.55
C1 GOL L . -22.17 -5.13 -12.43
O1 GOL L . -21.82 -3.80 -12.03
C2 GOL L . -21.01 -6.11 -12.18
O2 GOL L . -21.17 -7.26 -12.99
C3 GOL L . -20.82 -6.54 -10.72
O3 GOL L . -21.39 -5.64 -9.78
C1 PGE M . 4.81 -7.18 4.16
O1 PGE M . 4.87 -6.07 3.29
C2 PGE M . 6.26 -7.48 4.50
O2 PGE M . 6.37 -8.48 5.48
C3 PGE M . 6.77 -9.70 4.84
C4 PGE M . 8.30 -9.91 4.72
O4 PGE M . 11.03 -7.02 4.14
C6 PGE M . 9.89 -6.88 3.29
C5 PGE M . 9.17 -8.21 3.30
O3 PGE M . 9.06 -8.70 4.65
NA NA N . -4.20 3.50 0.78
#